data_2KYO
#
_entry.id   2KYO
#
_entity_poly.entity_id   1
_entity_poly.type   'polydeoxyribonucleotide'
_entity_poly.pdbx_seq_one_letter_code
;(DC)(DG)(DG)(DG)(DC)(DG)(DG)(DG)(DC)(DG)(DC)(DG)(DA)(DG)(DG)(DG)(DA)(DG)(DG)(DG)
(DT)
;
_entity_poly.pdbx_strand_id   A,B
#
loop_
_chem_comp.id
_chem_comp.type
_chem_comp.name
_chem_comp.formula
DA DNA linking 2'-DEOXYADENOSINE-5'-MONOPHOSPHATE 'C10 H14 N5 O6 P'
DC DNA linking 2'-DEOXYCYTIDINE-5'-MONOPHOSPHATE 'C9 H14 N3 O7 P'
DG DNA linking 2'-DEOXYGUANOSINE-5'-MONOPHOSPHATE 'C10 H14 N5 O7 P'
DT DNA linking THYMIDINE-5'-MONOPHOSPHATE 'C10 H15 N2 O8 P'
#